data_5SYZ
#
_entry.id   5SYZ
#
_cell.length_a   46.312
_cell.length_b   46.312
_cell.length_c   219.966
_cell.angle_alpha   90.000
_cell.angle_beta   90.000
_cell.angle_gamma   90.000
#
_symmetry.space_group_name_H-M   'P 43 21 2'
#
loop_
_entity.id
_entity.type
_entity.pdbx_description
1 polymer 'Nuclear receptor subfamily 5 group A member 2'
2 polymer 'Nuclear receptor coactivator 2'
3 non-polymer (1S,3aR,6aR)-5-hexyl-4-phenyl-3a-(1-phenylethenyl)-1,2,3,3a,6,6a-hexahydropentalen-1-ol
4 water water
#
loop_
_entity_poly.entity_id
_entity_poly.type
_entity_poly.pdbx_seq_one_letter_code
_entity_poly.pdbx_strand_id
1 'polypeptide(L)'
;SNASIPHLILELLKCEPDEPQVQAKIMAYLQQEQANRSKHEKLSTFGLMCKMADQTLFSIVEWARSSIFFRELKVDDQMK
LLQNCWSELLILDHIYRQVVHGKEGSIFLVTGQQVDYSIIASQAGATLNNLMSHAQELVAKLRSLQFDQREFVCLKFLVL
FSLDVKNLENFQLVEGVQEQVNAALLDYTMCNYPQQTEKFGQLLLRLPEIRAISMQAEEYLYYKHLNGDVPYNNLLIEML
HA
;
A
2 'polypeptide(L)' KENALLRYLLDKDDT C
#
# COMPACT_ATOMS: atom_id res chain seq x y z
N SER A 4 13.43 -9.32 21.43
CA SER A 4 14.49 -9.27 20.44
C SER A 4 13.91 -9.24 19.04
N ILE A 5 14.70 -8.78 18.07
CA ILE A 5 14.25 -8.59 16.70
C ILE A 5 15.15 -9.42 15.79
N PRO A 6 14.61 -10.32 14.98
CA PRO A 6 15.44 -10.96 13.95
C PRO A 6 16.18 -9.92 13.13
N HIS A 7 17.45 -10.20 12.83
CA HIS A 7 18.24 -9.26 12.05
C HIS A 7 17.60 -8.95 10.71
N LEU A 8 16.92 -9.92 10.11
CA LEU A 8 16.28 -9.68 8.82
C LEU A 8 15.23 -8.57 8.92
N ILE A 9 14.47 -8.57 10.02
CA ILE A 9 13.45 -7.53 10.19
C ILE A 9 14.10 -6.18 10.39
N LEU A 10 15.23 -6.14 11.09
CA LEU A 10 15.98 -4.90 11.23
C LEU A 10 16.41 -4.35 9.88
N GLU A 11 16.86 -5.23 8.97
CA GLU A 11 17.20 -4.79 7.63
C GLU A 11 15.97 -4.27 6.89
N LEU A 12 14.81 -4.90 7.09
CA LEU A 12 13.60 -4.38 6.45
C LEU A 12 13.25 -3.00 7.01
N LEU A 13 13.32 -2.83 8.34
CA LEU A 13 13.02 -1.54 8.94
C LEU A 13 13.91 -0.45 8.41
N LYS A 14 15.19 -0.77 8.18
CA LYS A 14 16.13 0.19 7.60
C LYS A 14 15.64 0.76 6.28
N CYS A 15 14.78 0.04 5.57
CA CYS A 15 14.38 0.46 4.23
C CYS A 15 13.12 1.30 4.24
N GLU A 16 12.52 1.53 5.40
CA GLU A 16 11.27 2.27 5.45
C GLU A 16 11.49 3.73 5.04
N PRO A 17 10.54 4.35 4.36
CA PRO A 17 10.68 5.77 4.02
C PRO A 17 10.51 6.65 5.24
N ASP A 18 11.00 7.88 5.12
CA ASP A 18 10.75 8.93 6.10
C ASP A 18 9.32 9.41 5.91
N GLU A 19 8.41 8.93 6.74
CA GLU A 19 6.99 9.09 6.47
C GLU A 19 6.56 10.56 6.55
N PRO A 20 7.04 11.34 7.52
CA PRO A 20 6.73 12.78 7.48
C PRO A 20 7.05 13.41 6.13
N GLN A 21 8.22 13.11 5.57
CA GLN A 21 8.60 13.72 4.30
C GLN A 21 7.69 13.26 3.17
N VAL A 22 7.33 11.97 3.16
CA VAL A 22 6.46 11.45 2.11
C VAL A 22 5.10 12.15 2.14
N GLN A 23 4.50 12.23 3.33
CA GLN A 23 3.19 12.86 3.48
C GLN A 23 3.25 14.36 3.18
N ALA A 24 4.30 15.04 3.65
CA ALA A 24 4.43 16.48 3.38
C ALA A 24 4.50 16.74 1.87
N LYS A 25 5.27 15.93 1.14
CA LYS A 25 5.41 16.15 -0.29
C LYS A 25 4.09 15.94 -1.01
N ILE A 26 3.33 14.92 -0.61
CA ILE A 26 2.04 14.66 -1.23
C ILE A 26 1.06 15.78 -0.88
N MET A 27 0.99 16.17 0.39
CA MET A 27 0.15 17.29 0.80
C MET A 27 0.43 18.53 -0.04
N ALA A 28 1.72 18.84 -0.25
CA ALA A 28 2.08 20.04 -0.99
C ALA A 28 1.71 19.92 -2.47
N TYR A 29 1.96 18.76 -3.08
CA TYR A 29 1.57 18.55 -4.47
C TYR A 29 0.09 18.85 -4.65
N LEU A 30 -0.77 18.27 -3.81
CA LEU A 30 -2.21 18.44 -3.97
C LEU A 30 -2.65 19.87 -3.71
N GLN A 31 -1.95 20.59 -2.83
CA GLN A 31 -2.28 22.00 -2.59
C GLN A 31 -2.04 22.83 -3.84
N GLN A 32 -0.89 22.65 -4.49
CA GLN A 32 -0.62 23.39 -5.73
C GLN A 32 -1.62 23.03 -6.81
N GLU A 33 -1.96 21.74 -6.95
CA GLU A 33 -2.89 21.31 -7.98
C GLU A 33 -4.21 22.06 -7.87
N GLN A 34 -4.78 22.12 -6.66
CA GLN A 34 -6.03 22.85 -6.46
C GLN A 34 -5.83 24.35 -6.68
N ALA A 35 -4.66 24.88 -6.28
CA ALA A 35 -4.40 26.31 -6.47
C ALA A 35 -4.40 26.69 -7.94
N ASN A 36 -3.80 25.85 -8.79
CA ASN A 36 -3.77 26.15 -10.22
C ASN A 36 -5.17 26.20 -10.81
N ARG A 37 -6.12 25.45 -10.23
CA ARG A 37 -7.41 25.24 -10.86
C ARG A 37 -8.35 26.43 -10.64
N SER A 38 -9.02 26.84 -11.71
CA SER A 38 -9.93 27.96 -11.66
C SER A 38 -11.18 27.60 -10.84
N LYS A 39 -12.00 28.63 -10.59
CA LYS A 39 -13.18 28.46 -9.76
C LYS A 39 -14.09 27.35 -10.27
N HIS A 40 -14.18 27.19 -11.59
CA HIS A 40 -15.13 26.28 -12.20
C HIS A 40 -14.54 24.90 -12.52
N GLU A 41 -13.26 24.68 -12.25
CA GLU A 41 -12.60 23.44 -12.66
C GLU A 41 -11.91 22.74 -11.49
N LYS A 42 -12.46 22.88 -10.28
CA LYS A 42 -11.91 22.18 -9.14
C LYS A 42 -12.11 20.67 -9.27
N LEU A 43 -11.35 19.92 -8.49
CA LEU A 43 -11.35 18.47 -8.59
C LEU A 43 -12.51 17.88 -7.81
N SER A 44 -13.25 16.95 -8.43
CA SER A 44 -14.18 16.13 -7.68
C SER A 44 -13.42 15.36 -6.61
N THR A 45 -14.11 15.08 -5.49
CA THR A 45 -13.44 14.40 -4.39
C THR A 45 -12.85 13.08 -4.86
N PHE A 46 -13.57 12.34 -5.71
CA PHE A 46 -13.01 11.13 -6.29
C PHE A 46 -11.71 11.46 -7.03
N GLY A 47 -11.70 12.58 -7.75
CA GLY A 47 -10.50 12.97 -8.48
C GLY A 47 -9.32 13.29 -7.56
N LEU A 48 -9.60 13.98 -6.44
CA LEU A 48 -8.54 14.23 -5.47
C LEU A 48 -7.96 12.93 -4.94
N MET A 49 -8.81 11.96 -4.60
CA MET A 49 -8.32 10.70 -4.08
C MET A 49 -7.48 9.96 -5.11
N CYS A 50 -7.87 10.05 -6.38
CA CYS A 50 -7.08 9.42 -7.44
C CYS A 50 -5.68 10.01 -7.49
N LYS A 51 -5.57 11.35 -7.46
CA LYS A 51 -4.26 11.98 -7.49
C LYS A 51 -3.48 11.70 -6.21
N MET A 52 -4.17 11.65 -5.08
CA MET A 52 -3.54 11.26 -3.83
C MET A 52 -2.95 9.86 -3.93
N ALA A 53 -3.74 8.91 -4.45
CA ALA A 53 -3.22 7.56 -4.68
C ALA A 53 -2.09 7.55 -5.70
N ASP A 54 -2.22 8.34 -6.77
CA ASP A 54 -1.17 8.43 -7.77
C ASP A 54 0.16 8.83 -7.13
N GLN A 55 0.15 9.91 -6.35
CA GLN A 55 1.39 10.36 -5.72
C GLN A 55 1.89 9.38 -4.68
N THR A 56 1.00 8.67 -3.99
CA THR A 56 1.45 7.62 -3.08
C THR A 56 2.17 6.51 -3.84
N LEU A 57 1.75 6.23 -5.07
CA LEU A 57 2.40 5.20 -5.87
C LEU A 57 3.84 5.58 -6.20
N PHE A 58 4.10 6.86 -6.51
CA PHE A 58 5.47 7.28 -6.75
C PHE A 58 6.36 6.97 -5.55
N SER A 59 5.86 7.20 -4.34
CA SER A 59 6.70 6.95 -3.16
C SER A 59 6.86 5.46 -2.91
N ILE A 60 5.85 4.66 -3.26
CA ILE A 60 5.95 3.21 -3.12
C ILE A 60 7.02 2.66 -4.06
N VAL A 61 7.03 3.13 -5.32
CA VAL A 61 8.04 2.69 -6.27
C VAL A 61 9.42 3.08 -5.77
N GLU A 62 9.56 4.30 -5.27
CA GLU A 62 10.85 4.75 -4.76
C GLU A 62 11.28 3.92 -3.56
N TRP A 63 10.33 3.57 -2.69
CA TRP A 63 10.65 2.72 -1.55
C TRP A 63 11.17 1.36 -2.03
N ALA A 64 10.42 0.69 -2.90
CA ALA A 64 10.81 -0.63 -3.38
C ALA A 64 12.20 -0.59 -4.02
N ARG A 65 12.44 0.34 -4.94
CA ARG A 65 13.67 0.29 -5.71
C ARG A 65 14.90 0.42 -4.82
N SER A 66 14.77 1.04 -3.65
CA SER A 66 15.89 1.18 -2.73
C SER A 66 15.93 0.08 -1.68
N SER A 67 14.97 -0.84 -1.68
CA SER A 67 14.86 -1.82 -0.61
C SER A 67 15.79 -3.00 -0.84
N ILE A 68 16.23 -3.57 0.28
CA ILE A 68 17.00 -4.81 0.29
C ILE A 68 16.28 -5.87 -0.55
N PHE A 69 17.05 -6.74 -1.20
CA PHE A 69 16.55 -7.82 -2.05
C PHE A 69 15.95 -7.29 -3.35
N PHE A 70 14.97 -6.39 -3.26
CA PHE A 70 14.34 -5.85 -4.47
C PHE A 70 15.37 -5.18 -5.38
N ARG A 71 16.33 -4.46 -4.79
CA ARG A 71 17.33 -3.77 -5.60
C ARG A 71 18.29 -4.72 -6.31
N GLU A 72 18.27 -6.00 -5.98
CA GLU A 72 19.09 -6.99 -6.67
C GLU A 72 18.43 -7.54 -7.92
N LEU A 73 17.12 -7.36 -8.07
CA LEU A 73 16.41 -7.85 -9.24
C LEU A 73 16.70 -6.98 -10.46
N LYS A 74 16.76 -7.62 -11.62
CA LYS A 74 16.76 -6.87 -12.87
C LYS A 74 15.48 -6.08 -12.99
N VAL A 75 15.52 -5.02 -13.81
CA VAL A 75 14.40 -4.09 -13.86
C VAL A 75 13.12 -4.78 -14.34
N ASP A 76 13.25 -5.74 -15.25
CA ASP A 76 12.06 -6.41 -15.74
C ASP A 76 11.38 -7.21 -14.63
N ASP A 77 12.17 -7.81 -13.74
CA ASP A 77 11.58 -8.50 -12.58
C ASP A 77 10.98 -7.50 -11.59
N GLN A 78 11.63 -6.36 -11.38
CA GLN A 78 11.09 -5.34 -10.50
C GLN A 78 9.74 -4.86 -10.99
N MET A 79 9.60 -4.67 -12.31
CA MET A 79 8.34 -4.21 -12.87
C MET A 79 7.23 -5.24 -12.66
N LYS A 80 7.53 -6.52 -12.87
CA LYS A 80 6.50 -7.54 -12.72
C LYS A 80 6.01 -7.62 -11.28
N LEU A 81 6.91 -7.49 -10.30
CA LEU A 81 6.49 -7.53 -8.91
C LEU A 81 5.57 -6.36 -8.57
N LEU A 82 5.98 -5.15 -8.95
CA LEU A 82 5.18 -3.97 -8.62
C LEU A 82 3.85 -3.96 -9.38
N GLN A 83 3.84 -4.46 -10.61
CA GLN A 83 2.57 -4.51 -11.34
C GLN A 83 1.60 -5.49 -10.69
N ASN A 84 2.12 -6.48 -9.98
CA ASN A 84 1.27 -7.48 -9.34
C ASN A 84 0.70 -7.00 -8.02
N CYS A 85 1.41 -6.12 -7.31
CA CYS A 85 1.07 -5.81 -5.93
C CYS A 85 0.85 -4.33 -5.62
N TRP A 86 0.87 -3.45 -6.64
CA TRP A 86 0.81 -2.02 -6.35
C TRP A 86 -0.44 -1.66 -5.56
N SER A 87 -1.60 -2.18 -5.95
CA SER A 87 -2.84 -1.85 -5.26
C SER A 87 -2.89 -2.44 -3.86
N GLU A 88 -2.32 -3.64 -3.68
CA GLU A 88 -2.22 -4.21 -2.34
C GLU A 88 -1.40 -3.32 -1.41
N LEU A 89 -0.30 -2.77 -1.92
CA LEU A 89 0.54 -1.91 -1.09
C LEU A 89 -0.19 -0.62 -0.72
N LEU A 90 -0.97 -0.06 -1.65
CA LEU A 90 -1.76 1.12 -1.34
C LEU A 90 -2.76 0.85 -0.23
N ILE A 91 -3.43 -0.30 -0.30
CA ILE A 91 -4.43 -0.65 0.70
C ILE A 91 -3.76 -0.99 2.03
N LEU A 92 -2.67 -1.75 2.00
CA LEU A 92 -1.97 -2.07 3.22
C LEU A 92 -1.49 -0.81 3.92
N ASP A 93 -0.91 0.13 3.16
CA ASP A 93 -0.48 1.41 3.72
C ASP A 93 -1.67 2.17 4.30
N HIS A 94 -2.79 2.21 3.59
CA HIS A 94 -4.00 2.84 4.13
C HIS A 94 -4.41 2.20 5.44
N ILE A 95 -4.47 0.87 5.48
CA ILE A 95 -4.91 0.17 6.68
C ILE A 95 -3.99 0.51 7.85
N TYR A 96 -2.67 0.42 7.64
CA TYR A 96 -1.77 0.67 8.76
C TYR A 96 -1.88 2.11 9.24
N ARG A 97 -2.11 3.05 8.33
CA ARG A 97 -2.30 4.43 8.73
C ARG A 97 -3.48 4.58 9.69
N GLN A 98 -4.59 3.88 9.41
CA GLN A 98 -5.72 3.92 10.33
C GLN A 98 -5.39 3.22 11.64
N VAL A 99 -4.67 2.10 11.58
CA VAL A 99 -4.29 1.40 12.81
C VAL A 99 -3.53 2.34 13.74
N VAL A 100 -2.59 3.10 13.18
CA VAL A 100 -1.71 3.94 13.98
C VAL A 100 -2.42 5.21 14.40
N HIS A 101 -3.06 5.89 13.45
CA HIS A 101 -3.62 7.23 13.67
C HIS A 101 -5.13 7.26 13.63
N GLY A 102 -5.78 6.14 13.37
CA GLY A 102 -7.21 6.16 13.13
C GLY A 102 -8.00 6.38 14.41
N LYS A 103 -9.01 7.24 14.30
CA LYS A 103 -9.98 7.45 15.35
C LYS A 103 -11.35 7.03 14.83
N GLU A 104 -12.22 6.63 15.76
CA GLU A 104 -13.56 6.21 15.38
C GLU A 104 -14.28 7.34 14.65
N GLY A 105 -14.87 7.01 13.50
CA GLY A 105 -15.67 7.95 12.75
C GLY A 105 -14.91 8.81 11.76
N SER A 106 -13.60 8.61 11.61
CA SER A 106 -12.83 9.42 10.67
C SER A 106 -11.81 8.55 9.98
N ILE A 107 -11.31 9.08 8.86
CA ILE A 107 -10.27 8.44 8.07
C ILE A 107 -9.06 9.37 8.04
N PHE A 108 -7.88 8.82 8.23
CA PHE A 108 -6.64 9.59 8.17
C PHE A 108 -5.98 9.38 6.83
N LEU A 109 -5.80 10.46 6.09
CA LEU A 109 -5.30 10.40 4.74
C LEU A 109 -3.78 10.54 4.70
N VAL A 110 -3.19 10.10 3.58
CA VAL A 110 -1.74 10.14 3.44
C VAL A 110 -1.22 11.58 3.50
N THR A 111 -2.08 12.56 3.31
CA THR A 111 -1.69 13.96 3.44
C THR A 111 -1.54 14.42 4.89
N GLY A 112 -1.91 13.60 5.86
CA GLY A 112 -2.01 14.04 7.23
C GLY A 112 -3.33 14.66 7.61
N GLN A 113 -4.31 14.66 6.71
CA GLN A 113 -5.63 15.20 7.00
C GLN A 113 -6.51 14.13 7.62
N GLN A 114 -7.24 14.50 8.66
CA GLN A 114 -8.30 13.69 9.24
C GLN A 114 -9.63 14.12 8.64
N VAL A 115 -10.40 13.16 8.13
CA VAL A 115 -11.68 13.44 7.50
C VAL A 115 -12.75 12.57 8.15
N ASP A 116 -13.91 13.15 8.40
CA ASP A 116 -15.02 12.40 8.98
C ASP A 116 -15.58 11.40 7.98
N TYR A 117 -15.88 10.20 8.47
CA TYR A 117 -16.37 9.15 7.59
C TYR A 117 -17.70 9.55 6.95
N SER A 118 -18.55 10.27 7.69
CA SER A 118 -19.84 10.68 7.14
C SER A 118 -19.67 11.57 5.91
N ILE A 119 -18.59 12.35 5.86
CA ILE A 119 -18.32 13.15 4.68
C ILE A 119 -17.89 12.26 3.53
N ILE A 120 -16.92 11.37 3.78
CA ILE A 120 -16.40 10.49 2.73
C ILE A 120 -17.51 9.58 2.21
N ALA A 121 -18.21 8.89 3.13
CA ALA A 121 -19.25 7.95 2.72
C ALA A 121 -20.37 8.62 1.93
N SER A 122 -20.53 9.94 2.06
CA SER A 122 -21.54 10.63 1.27
C SER A 122 -21.12 10.72 -0.19
N GLN A 123 -19.83 10.80 -0.46
CA GLN A 123 -19.31 11.09 -1.79
C GLN A 123 -18.77 9.86 -2.52
N ALA A 124 -18.46 8.78 -1.80
CA ALA A 124 -17.63 7.72 -2.36
C ALA A 124 -18.44 6.72 -3.19
N GLY A 125 -19.72 6.55 -2.90
CA GLY A 125 -20.54 5.59 -3.61
C GLY A 125 -20.46 4.19 -3.00
N ALA A 126 -21.41 3.35 -3.41
CA ALA A 126 -21.63 2.07 -2.74
C ALA A 126 -20.39 1.18 -2.80
N THR A 127 -19.72 1.14 -3.95
CA THR A 127 -18.61 0.19 -4.10
C THR A 127 -17.44 0.59 -3.21
N LEU A 128 -16.98 1.85 -3.30
CA LEU A 128 -15.86 2.27 -2.47
C LEU A 128 -16.22 2.25 -0.99
N ASN A 129 -17.48 2.57 -0.66
CA ASN A 129 -17.91 2.47 0.73
C ASN A 129 -17.79 1.03 1.22
N ASN A 130 -18.23 0.07 0.39
CA ASN A 130 -18.11 -1.34 0.75
C ASN A 130 -16.65 -1.70 0.97
N LEU A 131 -15.77 -1.31 0.05
CA LEU A 131 -14.36 -1.69 0.18
C LEU A 131 -13.71 -0.99 1.36
N MET A 132 -14.07 0.26 1.61
CA MET A 132 -13.53 0.97 2.77
C MET A 132 -14.02 0.33 4.06
N SER A 133 -15.30 -0.06 4.10
CA SER A 133 -15.82 -0.69 5.31
C SER A 133 -15.13 -2.01 5.58
N HIS A 134 -14.91 -2.81 4.52
CA HIS A 134 -14.17 -4.06 4.70
C HIS A 134 -12.75 -3.77 5.16
N ALA A 135 -12.12 -2.72 4.62
CA ALA A 135 -10.79 -2.33 5.08
C ALA A 135 -10.81 -1.93 6.55
N GLN A 136 -11.86 -1.21 6.98
CA GLN A 136 -11.97 -0.84 8.39
C GLN A 136 -12.12 -2.06 9.29
N GLU A 137 -12.83 -3.09 8.81
CA GLU A 137 -12.92 -4.32 9.59
C GLU A 137 -11.53 -4.91 9.82
N LEU A 138 -10.65 -4.84 8.81
CA LEU A 138 -9.28 -5.27 9.00
C LEU A 138 -8.55 -4.37 9.98
N VAL A 139 -8.78 -3.05 9.90
CA VAL A 139 -8.18 -2.12 10.85
C VAL A 139 -8.54 -2.52 12.27
N ALA A 140 -9.84 -2.65 12.54
CA ALA A 140 -10.27 -3.00 13.89
C ALA A 140 -9.65 -4.32 14.33
N LYS A 141 -9.58 -5.30 13.44
CA LYS A 141 -8.98 -6.59 13.81
C LYS A 141 -7.50 -6.43 14.11
N LEU A 142 -6.78 -5.70 13.26
CA LEU A 142 -5.35 -5.52 13.47
C LEU A 142 -5.06 -4.71 14.72
N ARG A 143 -5.90 -3.73 15.06
CA ARG A 143 -5.65 -2.97 16.27
C ARG A 143 -5.90 -3.81 17.51
N SER A 144 -6.87 -4.73 17.45
CA SER A 144 -7.12 -5.61 18.59
C SER A 144 -5.96 -6.58 18.80
N LEU A 145 -5.26 -6.94 17.74
CA LEU A 145 -4.10 -7.82 17.83
C LEU A 145 -2.81 -7.08 18.16
N GLN A 146 -2.84 -5.75 18.25
CA GLN A 146 -1.64 -4.95 18.52
C GLN A 146 -0.63 -5.04 17.38
N PHE A 147 -1.15 -5.03 16.14
CA PHE A 147 -0.33 -4.94 14.94
C PHE A 147 0.67 -3.80 15.08
N ASP A 148 1.97 -4.11 14.96
CA ASP A 148 3.02 -3.11 15.15
C ASP A 148 3.84 -2.94 13.88
N GLN A 149 4.83 -2.06 13.96
CA GLN A 149 5.58 -1.66 12.77
C GLN A 149 6.47 -2.77 12.24
N ARG A 150 7.04 -3.60 13.12
CA ARG A 150 7.85 -4.71 12.65
C ARG A 150 7.02 -5.68 11.83
N GLU A 151 5.81 -5.97 12.29
CA GLU A 151 4.92 -6.87 11.55
C GLU A 151 4.45 -6.21 10.27
N PHE A 152 4.21 -4.90 10.30
CA PHE A 152 3.77 -4.18 9.10
C PHE A 152 4.81 -4.28 7.99
N VAL A 153 6.09 -4.09 8.31
CA VAL A 153 7.11 -4.14 7.26
CA VAL A 153 7.11 -4.14 7.27
C VAL A 153 7.26 -5.57 6.74
N CYS A 154 7.09 -6.58 7.60
CA CYS A 154 7.10 -7.95 7.10
C CYS A 154 5.99 -8.16 6.08
N LEU A 155 4.77 -7.76 6.41
CA LEU A 155 3.65 -7.92 5.48
C LEU A 155 3.87 -7.14 4.19
N LYS A 156 4.48 -5.95 4.28
CA LYS A 156 4.85 -5.22 3.07
C LYS A 156 5.72 -6.08 2.16
N PHE A 157 6.74 -6.71 2.73
CA PHE A 157 7.64 -7.51 1.90
C PHE A 157 6.98 -8.79 1.42
N LEU A 158 6.07 -9.36 2.21
CA LEU A 158 5.34 -10.55 1.76
C LEU A 158 4.37 -10.21 0.63
N VAL A 159 3.80 -9.00 0.65
CA VAL A 159 2.97 -8.54 -0.46
C VAL A 159 3.83 -8.32 -1.70
N LEU A 160 4.97 -7.66 -1.52
CA LEU A 160 5.82 -7.30 -2.65
C LEU A 160 6.41 -8.54 -3.31
N PHE A 161 6.91 -9.48 -2.51
CA PHE A 161 7.58 -10.68 -3.03
C PHE A 161 6.58 -11.84 -3.08
N SER A 162 5.60 -11.69 -3.97
CA SER A 162 4.47 -12.60 -4.05
C SER A 162 4.78 -13.79 -4.96
N LEU A 163 4.40 -14.99 -4.47
CA LEU A 163 4.53 -16.18 -5.29
C LEU A 163 3.56 -16.19 -6.46
N ASP A 164 2.58 -15.28 -6.47
CA ASP A 164 1.63 -15.16 -7.56
C ASP A 164 2.26 -14.62 -8.83
N VAL A 165 3.48 -14.10 -8.78
CA VAL A 165 4.09 -13.45 -9.94
C VAL A 165 4.81 -14.52 -10.76
N LYS A 166 4.42 -14.61 -12.03
CA LYS A 166 4.98 -15.57 -12.97
C LYS A 166 5.89 -14.87 -13.96
N ASN A 167 6.71 -15.65 -14.66
CA ASN A 167 7.60 -15.17 -15.71
C ASN A 167 8.79 -14.41 -15.16
N LEU A 168 9.19 -14.69 -13.93
CA LEU A 168 10.32 -14.01 -13.33
C LEU A 168 11.64 -14.65 -13.76
N GLU A 169 12.64 -13.80 -14.00
CA GLU A 169 13.98 -14.32 -14.28
C GLU A 169 14.59 -14.94 -13.04
N ASN A 170 14.35 -14.34 -11.87
CA ASN A 170 14.91 -14.84 -10.61
C ASN A 170 13.78 -15.19 -9.64
N PHE A 171 12.93 -16.15 -10.02
CA PHE A 171 11.85 -16.56 -9.13
C PHE A 171 12.38 -17.07 -7.80
N GLN A 172 13.62 -17.58 -7.78
CA GLN A 172 14.16 -18.17 -6.56
C GLN A 172 14.37 -17.13 -5.47
N LEU A 173 14.80 -15.92 -5.84
CA LEU A 173 14.94 -14.86 -4.83
C LEU A 173 13.59 -14.49 -4.24
N VAL A 174 12.55 -14.40 -5.07
CA VAL A 174 11.22 -14.06 -4.59
C VAL A 174 10.72 -15.15 -3.64
N GLU A 175 10.98 -16.40 -3.99
CA GLU A 175 10.60 -17.52 -3.14
C GLU A 175 11.38 -17.51 -1.84
N GLY A 176 12.67 -17.17 -1.90
CA GLY A 176 13.49 -17.14 -0.71
C GLY A 176 13.12 -16.02 0.23
N VAL A 177 12.83 -14.83 -0.30
CA VAL A 177 12.40 -13.72 0.54
C VAL A 177 11.06 -14.04 1.17
N GLN A 178 10.12 -14.55 0.37
CA GLN A 178 8.82 -14.93 0.91
C GLN A 178 8.99 -15.89 2.08
N GLU A 179 9.87 -16.87 1.92
CA GLU A 179 10.05 -17.89 2.95
C GLU A 179 10.78 -17.34 4.18
N GLN A 180 11.81 -16.53 3.97
CA GLN A 180 12.60 -16.05 5.11
C GLN A 180 11.86 -14.96 5.89
N VAL A 181 11.11 -14.09 5.21
CA VAL A 181 10.31 -13.11 5.93
C VAL A 181 9.22 -13.81 6.72
N ASN A 182 8.63 -14.86 6.14
CA ASN A 182 7.65 -15.65 6.88
C ASN A 182 8.25 -16.20 8.16
N ALA A 183 9.40 -16.87 8.05
CA ALA A 183 10.06 -17.40 9.25
C ALA A 183 10.42 -16.31 10.24
N ALA A 184 10.80 -15.12 9.75
CA ALA A 184 11.14 -14.02 10.64
C ALA A 184 9.91 -13.48 11.35
N LEU A 185 8.80 -13.33 10.62
CA LEU A 185 7.55 -12.89 11.24
C LEU A 185 7.07 -13.90 12.27
N LEU A 186 7.12 -15.19 11.91
CA LEU A 186 6.73 -16.24 12.85
C LEU A 186 7.55 -16.15 14.12
N ASP A 187 8.86 -15.98 13.98
CA ASP A 187 9.74 -15.87 15.15
C ASP A 187 9.43 -14.61 15.94
N TYR A 188 9.29 -13.48 15.25
CA TYR A 188 9.11 -12.21 15.93
C TYR A 188 7.82 -12.18 16.75
N THR A 189 6.71 -12.65 16.16
CA THR A 189 5.45 -12.65 16.90
C THR A 189 5.54 -13.57 18.11
N MET A 190 6.24 -14.69 17.96
CA MET A 190 6.37 -15.65 19.06
C MET A 190 7.16 -15.06 20.21
N CYS A 191 8.25 -14.34 19.92
CA CYS A 191 9.08 -13.77 20.97
C CYS A 191 8.43 -12.57 21.63
N ASN A 192 7.75 -11.73 20.86
CA ASN A 192 7.26 -10.45 21.36
C ASN A 192 5.79 -10.47 21.79
N TYR A 193 5.01 -11.43 21.31
CA TYR A 193 3.60 -11.56 21.68
C TYR A 193 3.31 -13.01 22.03
N PRO A 194 4.05 -13.57 23.00
CA PRO A 194 3.91 -15.01 23.29
C PRO A 194 2.48 -15.44 23.62
N GLN A 195 1.70 -14.57 24.26
CA GLN A 195 0.36 -14.96 24.71
C GLN A 195 -0.62 -15.08 23.54
N GLN A 196 -0.38 -14.37 22.44
CA GLN A 196 -1.31 -14.36 21.31
C GLN A 196 -0.90 -15.45 20.32
N THR A 197 -1.32 -16.68 20.61
CA THR A 197 -1.05 -17.78 19.69
C THR A 197 -1.65 -17.50 18.31
N GLU A 198 -2.80 -16.84 18.27
CA GLU A 198 -3.50 -16.62 17.01
C GLU A 198 -2.89 -15.50 16.16
N LYS A 199 -1.91 -14.76 16.69
CA LYS A 199 -1.51 -13.51 16.04
C LYS A 199 -0.90 -13.77 14.66
N PHE A 200 0.06 -14.70 14.59
CA PHE A 200 0.73 -14.95 13.31
C PHE A 200 -0.29 -15.33 12.24
N GLY A 201 -1.18 -16.26 12.55
CA GLY A 201 -2.18 -16.67 11.58
C GLY A 201 -3.15 -15.57 11.23
N GLN A 202 -3.57 -14.79 12.23
CA GLN A 202 -4.47 -13.66 11.94
C GLN A 202 -3.80 -12.62 11.06
N LEU A 203 -2.47 -12.46 11.17
CA LEU A 203 -1.78 -11.54 10.26
C LEU A 203 -1.75 -12.10 8.85
N LEU A 204 -1.34 -13.35 8.69
CA LEU A 204 -1.29 -13.94 7.35
C LEU A 204 -2.65 -13.92 6.68
N LEU A 205 -3.72 -14.21 7.43
CA LEU A 205 -5.04 -14.29 6.82
C LEU A 205 -5.58 -12.93 6.42
N ARG A 206 -4.93 -11.84 6.81
CA ARG A 206 -5.30 -10.53 6.29
C ARG A 206 -4.82 -10.35 4.87
N LEU A 207 -3.72 -11.02 4.51
CA LEU A 207 -3.14 -10.83 3.18
C LEU A 207 -4.07 -11.26 2.07
N PRO A 208 -4.72 -12.44 2.12
CA PRO A 208 -5.75 -12.74 1.12
C PRO A 208 -6.87 -11.72 1.11
N GLU A 209 -7.27 -11.21 2.28
CA GLU A 209 -8.35 -10.23 2.34
C GLU A 209 -7.92 -8.89 1.74
N ILE A 210 -6.71 -8.44 2.08
CA ILE A 210 -6.18 -7.24 1.43
C ILE A 210 -6.07 -7.46 -0.07
N ARG A 211 -5.63 -8.66 -0.48
CA ARG A 211 -5.56 -8.98 -1.90
C ARG A 211 -6.94 -8.88 -2.53
N ALA A 212 -7.96 -9.43 -1.88
CA ALA A 212 -9.32 -9.34 -2.39
C ALA A 212 -9.76 -7.89 -2.48
N ILE A 213 -9.56 -7.11 -1.42
CA ILE A 213 -9.99 -5.71 -1.42
C ILE A 213 -9.27 -4.93 -2.51
N SER A 214 -7.96 -5.16 -2.66
CA SER A 214 -7.19 -4.35 -3.59
C SER A 214 -7.50 -4.72 -5.03
N MET A 215 -7.67 -6.01 -5.32
CA MET A 215 -8.02 -6.41 -6.68
C MET A 215 -9.43 -5.93 -7.05
N GLN A 216 -10.37 -6.02 -6.12
CA GLN A 216 -11.69 -5.45 -6.36
C GLN A 216 -11.59 -3.94 -6.53
N ALA A 217 -10.71 -3.29 -5.76
CA ALA A 217 -10.50 -1.87 -5.93
C ALA A 217 -9.95 -1.55 -7.32
N GLU A 218 -8.97 -2.34 -7.79
CA GLU A 218 -8.45 -2.17 -9.14
C GLU A 218 -9.55 -2.27 -10.18
N GLU A 219 -10.38 -3.32 -10.09
CA GLU A 219 -11.42 -3.50 -11.09
C GLU A 219 -12.41 -2.33 -11.08
N TYR A 220 -12.74 -1.81 -9.90
CA TYR A 220 -13.61 -0.64 -9.83
C TYR A 220 -12.96 0.57 -10.48
N LEU A 221 -11.68 0.79 -10.20
CA LEU A 221 -11.00 1.96 -10.76
C LEU A 221 -10.87 1.85 -12.27
N TYR A 222 -10.58 0.64 -12.78
CA TYR A 222 -10.56 0.42 -14.22
C TYR A 222 -11.91 0.75 -14.83
N TYR A 223 -12.99 0.40 -14.13
CA TYR A 223 -14.32 0.79 -14.57
C TYR A 223 -14.46 2.30 -14.63
N LYS A 224 -14.05 2.99 -13.57
CA LYS A 224 -14.18 4.44 -13.52
C LYS A 224 -13.33 5.09 -14.61
N HIS A 225 -12.13 4.55 -14.86
CA HIS A 225 -11.32 5.04 -15.97
C HIS A 225 -12.06 4.88 -17.30
N LEU A 226 -12.54 3.66 -17.59
CA LEU A 226 -13.27 3.44 -18.83
C LEU A 226 -14.49 4.33 -18.92
N ASN A 227 -15.06 4.74 -17.79
CA ASN A 227 -16.24 5.59 -17.77
C ASN A 227 -15.90 7.07 -17.89
N GLY A 228 -14.61 7.43 -17.94
CA GLY A 228 -14.20 8.81 -18.08
C GLY A 228 -14.03 9.58 -16.79
N ASP A 229 -13.98 8.90 -15.65
CA ASP A 229 -13.98 9.56 -14.35
C ASP A 229 -12.59 9.80 -13.76
N VAL A 230 -11.53 9.27 -14.37
CA VAL A 230 -10.21 9.34 -13.76
C VAL A 230 -9.28 10.24 -14.57
N PRO A 231 -8.49 11.12 -13.93
CA PRO A 231 -7.42 11.84 -14.64
C PRO A 231 -6.29 10.92 -15.07
N ASN A 234 -1.44 9.39 -16.00
CA ASN A 234 -0.53 9.40 -14.88
C ASN A 234 -0.12 7.96 -14.48
N LEU A 235 0.62 7.83 -13.38
CA LEU A 235 1.13 6.53 -12.98
C LEU A 235 -0.01 5.58 -12.63
N LEU A 236 -1.05 6.08 -11.96
CA LEU A 236 -2.17 5.25 -11.57
C LEU A 236 -2.77 4.53 -12.77
N ILE A 237 -2.97 5.26 -13.87
CA ILE A 237 -3.55 4.67 -15.07
C ILE A 237 -2.61 3.64 -15.68
N GLU A 238 -1.31 3.96 -15.75
CA GLU A 238 -0.35 3.01 -16.30
C GLU A 238 -0.37 1.69 -15.54
N MET A 239 -0.44 1.76 -14.21
CA MET A 239 -0.47 0.53 -13.42
C MET A 239 -1.76 -0.26 -13.64
N LEU A 240 -2.88 0.43 -13.81
CA LEU A 240 -4.15 -0.25 -14.08
C LEU A 240 -4.07 -1.02 -15.39
N HIS A 241 -3.58 -0.38 -16.45
CA HIS A 241 -3.55 -1.03 -17.76
C HIS A 241 -2.62 -2.24 -17.76
N ALA A 242 -1.40 -2.06 -17.30
CA ALA A 242 -0.42 -3.16 -17.28
C ALA A 242 -0.81 -4.19 -16.23
N ASN B 3 4.91 -0.49 -20.16
CA ASN B 3 4.75 0.51 -19.12
C ASN B 3 6.05 1.31 -18.98
N ALA B 4 6.25 2.26 -19.89
CA ALA B 4 7.49 3.04 -19.91
C ALA B 4 7.66 3.87 -18.64
N LEU B 5 6.55 4.34 -18.08
CA LEU B 5 6.64 5.19 -16.89
C LEU B 5 7.24 4.41 -15.71
N LEU B 6 6.79 3.18 -15.49
CA LEU B 6 7.31 2.42 -14.36
C LEU B 6 8.78 2.08 -14.56
N ARG B 7 9.16 1.72 -15.79
CA ARG B 7 10.57 1.47 -16.11
C ARG B 7 11.41 2.70 -15.82
N TYR B 8 10.92 3.87 -16.23
CA TYR B 8 11.65 5.12 -16.02
C TYR B 8 11.85 5.41 -14.55
N LEU B 9 10.80 5.25 -13.73
CA LEU B 9 10.91 5.47 -12.29
C LEU B 9 11.89 4.52 -11.65
N LEU B 10 12.07 3.31 -12.21
CA LEU B 10 13.02 2.35 -11.68
C LEU B 10 14.44 2.57 -12.19
N ASP B 11 14.59 3.18 -13.36
CA ASP B 11 15.90 3.40 -13.98
C ASP B 11 16.48 4.78 -13.73
N LYS B 12 15.65 5.78 -13.43
CA LYS B 12 16.11 7.17 -13.47
C LYS B 12 17.13 7.47 -12.37
N ASP B 13 18.00 8.42 -12.65
CA ASP B 13 18.95 8.94 -11.66
C ASP B 13 18.40 10.20 -11.02
#